data_5C5R
#
_entry.id   5C5R
#
_cell.length_a   91.205
_cell.length_b   98.114
_cell.length_c   119.334
_cell.angle_alpha   90.00
_cell.angle_beta   90.00
_cell.angle_gamma   90.00
#
_symmetry.space_group_name_H-M   'C 2 2 21'
#
loop_
_entity.id
_entity.type
_entity.pdbx_description
1 polymer Tankyrase-2
2 polymer Tankyrase-2
3 non-polymer 'ZINC ION'
4 non-polymer (7R)-2-hydroxy-7-(propan-2-yl)-7,8-dihydro-5H-pyrano[4,3-b]pyridine-3-carbonitrile
5 non-polymer 'SULFATE ION'
6 water water
#
loop_
_entity_poly.entity_id
_entity_poly.type
_entity_poly.pdbx_seq_one_letter_code
_entity_poly.pdbx_strand_id
1 'polypeptide(L)'
;MHHHHHHSSGVDLGTENLYFQSMLNTSGSGTILIDLSPDDKEFQSVEEEMQSTVREHRDGGHAGGIFNRYNILKIQKVCN
KKLWERYTHRRKEVSEENHNHANERMLFHGSPFVNAIIHKGFDERHAYIGGMFGAGIYFAENSSKSNQYVYGIGGGTGCP
VHKDRSCYICHRQLLFCRVTLGKSFLQFSAM
;
A,B
2 'polypeptide(L)' KMAHSPPGHHSVTGRPSVNGLALAEYVIYRGEQAYPEYLITYQIMRPEG C,D
#
loop_
_chem_comp.id
_chem_comp.type
_chem_comp.name
_chem_comp.formula
0E1 non-polymer (7R)-2-hydroxy-7-(propan-2-yl)-7,8-dihydro-5H-pyrano[4,3-b]pyridine-3-carbonitrile 'C12 H14 N2 O2'
SO4 non-polymer 'SULFATE ION' 'O4 S -2'
ZN non-polymer 'ZINC ION' 'Zn 2'
#
# COMPACT_ATOMS: atom_id res chain seq x y z
N GLY A 30 5.37 16.99 -1.33
CA GLY A 30 6.38 16.86 -0.26
C GLY A 30 6.15 15.66 0.62
N THR A 31 5.10 14.89 0.34
CA THR A 31 4.76 13.74 1.16
C THR A 31 5.46 12.48 0.71
N ILE A 32 6.08 11.79 1.67
CA ILE A 32 6.67 10.48 1.45
C ILE A 32 5.95 9.46 2.32
N LEU A 33 5.73 8.27 1.76
CA LEU A 33 5.11 7.17 2.49
C LEU A 33 6.12 6.06 2.71
N ILE A 34 6.35 5.69 3.96
CA ILE A 34 7.32 4.65 4.28
C ILE A 34 6.63 3.41 4.87
N ASP A 35 6.79 2.27 4.20
CA ASP A 35 6.18 1.03 4.67
C ASP A 35 6.78 0.58 6.00
N LEU A 36 5.92 0.19 6.93
CA LEU A 36 6.38 -0.44 8.15
C LEU A 36 6.32 -1.96 8.01
N SER A 37 7.32 -2.64 8.54
CA SER A 37 7.34 -4.09 8.54
C SER A 37 6.37 -4.67 9.56
N PRO A 38 5.67 -5.75 9.20
CA PRO A 38 4.78 -6.44 10.14
C PRO A 38 5.52 -6.97 11.38
N ASP A 39 6.84 -7.05 11.28
CA ASP A 39 7.66 -7.52 12.39
C ASP A 39 8.03 -6.37 13.31
N ASP A 40 7.68 -5.15 12.90
CA ASP A 40 8.00 -3.95 13.66
C ASP A 40 6.98 -3.77 14.79
N LYS A 41 7.46 -3.41 15.97
CA LYS A 41 6.56 -3.15 17.10
C LYS A 41 5.59 -2.02 16.79
N GLU A 42 6.04 -1.06 15.99
CA GLU A 42 5.18 0.06 15.63
C GLU A 42 4.01 -0.39 14.76
N PHE A 43 4.27 -1.26 13.79
CA PHE A 43 3.22 -1.84 12.97
C PHE A 43 2.21 -2.57 13.85
N GLN A 44 2.71 -3.41 14.74
CA GLN A 44 1.86 -4.24 15.56
C GLN A 44 1.01 -3.41 16.51
N SER A 45 1.57 -2.30 16.98
CA SER A 45 0.85 -1.40 17.88
C SER A 45 -0.33 -0.74 17.16
N VAL A 46 -0.10 -0.27 15.95
CA VAL A 46 -1.17 0.35 15.17
C VAL A 46 -2.23 -0.68 14.80
N GLU A 47 -1.82 -1.88 14.38
CA GLU A 47 -2.80 -2.92 14.08
C GLU A 47 -3.67 -3.23 15.29
N GLU A 48 -3.06 -3.31 16.46
CA GLU A 48 -3.81 -3.67 17.66
C GLU A 48 -4.82 -2.58 18.01
N GLU A 49 -4.45 -1.32 17.78
CA GLU A 49 -5.39 -0.24 18.02
C GLU A 49 -6.55 -0.29 17.03
N MET A 50 -6.26 -0.67 15.78
CA MET A 50 -7.32 -0.89 14.80
C MET A 50 -8.27 -2.00 15.25
N GLN A 51 -7.70 -3.17 15.53
CA GLN A 51 -8.50 -4.35 15.80
C GLN A 51 -9.28 -4.23 17.11
N SER A 52 -8.64 -3.65 18.13
CA SER A 52 -9.22 -3.64 19.47
C SER A 52 -10.34 -2.63 19.64
N THR A 53 -10.48 -1.72 18.68
CA THR A 53 -11.51 -0.69 18.77
C THR A 53 -12.62 -0.86 17.73
N VAL A 54 -12.71 -2.05 17.16
CA VAL A 54 -13.90 -2.44 16.40
C VAL A 54 -15.04 -2.65 17.39
N ARG A 55 -16.22 -2.13 17.06
CA ARG A 55 -17.41 -2.43 17.83
C ARG A 55 -18.59 -2.67 16.89
N GLU A 56 -19.70 -3.15 17.46
CA GLU A 56 -20.95 -3.23 16.70
C GLU A 56 -21.56 -1.84 16.59
N HIS A 57 -22.25 -1.60 15.49
CA HIS A 57 -22.91 -0.31 15.28
C HIS A 57 -24.41 -0.47 15.18
N ARG A 58 -25.13 0.58 15.57
CA ARG A 58 -26.57 0.53 15.70
C ARG A 58 -27.27 0.38 14.36
N ASP A 59 -26.55 0.64 13.27
CA ASP A 59 -27.12 0.48 11.93
C ASP A 59 -26.98 -0.94 11.40
N GLY A 60 -26.52 -1.84 12.27
CA GLY A 60 -26.43 -3.24 11.89
C GLY A 60 -25.42 -3.52 10.80
N GLY A 61 -24.56 -2.54 10.50
CA GLY A 61 -23.57 -2.71 9.46
C GLY A 61 -23.88 -1.96 8.18
N HIS A 62 -24.98 -1.21 8.17
CA HIS A 62 -25.44 -0.55 6.95
C HIS A 62 -24.36 0.31 6.31
N ALA A 63 -23.72 1.17 7.09
CA ALA A 63 -22.79 2.15 6.54
C ALA A 63 -21.42 1.56 6.26
N GLY A 64 -20.88 0.81 7.21
CA GLY A 64 -19.50 0.37 7.11
C GLY A 64 -19.30 -1.11 6.82
N GLY A 65 -20.40 -1.87 6.81
CA GLY A 65 -20.30 -3.30 6.58
C GLY A 65 -20.39 -4.14 7.84
N ILE A 66 -20.52 -5.45 7.66
CA ILE A 66 -20.62 -6.39 8.76
C ILE A 66 -19.28 -7.09 8.99
N PHE A 67 -18.69 -6.87 10.15
CA PHE A 67 -17.37 -7.42 10.46
C PHE A 67 -17.03 -7.27 11.94
N ASN A 68 -16.14 -8.14 12.43
CA ASN A 68 -15.65 -8.07 13.79
C ASN A 68 -14.17 -7.75 13.83
N ARG A 69 -13.49 -7.87 12.69
CA ARG A 69 -12.06 -7.62 12.62
C ARG A 69 -11.63 -7.29 11.19
N TYR A 70 -10.39 -6.85 11.05
CA TYR A 70 -9.83 -6.45 9.76
C TYR A 70 -8.74 -7.40 9.30
N ASN A 71 -8.53 -7.44 7.99
CA ASN A 71 -7.28 -7.94 7.44
C ASN A 71 -6.40 -6.75 7.10
N ILE A 72 -5.36 -6.52 7.89
CA ILE A 72 -4.46 -5.39 7.65
C ILE A 72 -3.46 -5.75 6.57
N LEU A 73 -3.45 -4.96 5.50
CA LEU A 73 -2.62 -5.27 4.34
C LEU A 73 -1.31 -4.49 4.33
N LYS A 74 -1.36 -3.25 4.80
CA LYS A 74 -0.19 -2.38 4.81
C LYS A 74 -0.39 -1.26 5.81
N ILE A 75 0.70 -0.86 6.47
CA ILE A 75 0.69 0.33 7.30
C ILE A 75 1.89 1.19 6.91
N GLN A 76 1.63 2.44 6.53
CA GLN A 76 2.67 3.35 6.10
C GLN A 76 2.77 4.58 6.99
N LYS A 77 3.99 5.00 7.28
CA LYS A 77 4.20 6.28 7.94
C LYS A 77 4.12 7.40 6.92
N VAL A 78 3.38 8.44 7.25
CA VAL A 78 3.21 9.58 6.36
C VAL A 78 4.14 10.72 6.78
N CYS A 79 5.02 11.13 5.88
CA CYS A 79 6.05 12.11 6.22
C CYS A 79 5.99 13.32 5.30
N ASN A 80 5.74 14.49 5.89
CA ASN A 80 5.75 15.73 5.14
C ASN A 80 6.23 16.84 6.07
N LYS A 81 7.41 17.39 5.77
CA LYS A 81 8.04 18.37 6.65
C LYS A 81 7.19 19.63 6.79
N LYS A 82 6.69 20.11 5.66
CA LYS A 82 5.88 21.33 5.65
C LYS A 82 4.63 21.16 6.50
N LEU A 83 3.94 20.03 6.32
CA LEU A 83 2.69 19.80 7.03
C LEU A 83 2.93 19.54 8.51
N TRP A 84 4.04 18.89 8.83
CA TRP A 84 4.37 18.62 10.22
C TRP A 84 4.62 19.93 10.98
N GLU A 85 5.37 20.83 10.37
CA GLU A 85 5.66 22.12 11.00
C GLU A 85 4.40 22.97 11.12
N ARG A 86 3.50 22.86 10.15
CA ARG A 86 2.19 23.50 10.22
C ARG A 86 1.44 23.00 11.45
N TYR A 87 1.48 21.69 11.68
CA TYR A 87 0.83 21.08 12.83
C TYR A 87 1.45 21.52 14.16
N THR A 88 2.78 21.48 14.25
CA THR A 88 3.45 21.80 15.51
C THR A 88 3.35 23.28 15.86
N HIS A 89 3.26 24.12 14.83
CA HIS A 89 3.09 25.55 15.05
C HIS A 89 1.74 25.80 15.70
N ARG A 90 0.70 25.15 15.19
CA ARG A 90 -0.63 25.28 15.76
C ARG A 90 -0.70 24.63 17.13
N ARG A 91 -0.01 23.50 17.28
CA ARG A 91 -0.03 22.79 18.56
C ARG A 91 0.55 23.66 19.67
N LYS A 92 1.59 24.42 19.35
CA LYS A 92 2.21 25.32 20.32
C LYS A 92 1.26 26.45 20.71
N GLU A 93 0.55 26.99 19.74
CA GLU A 93 -0.45 28.03 20.01
C GLU A 93 -1.52 27.50 20.95
N VAL A 94 -2.03 26.32 20.64
CA VAL A 94 -3.11 25.73 21.43
C VAL A 94 -2.62 25.36 22.83
N SER A 95 -1.43 24.76 22.90
CA SER A 95 -0.85 24.36 24.18
C SER A 95 -0.73 25.56 25.11
N GLU A 96 -0.20 26.67 24.59
CA GLU A 96 0.01 27.84 25.42
C GLU A 96 -1.31 28.48 25.84
N GLU A 97 -2.31 28.44 24.96
CA GLU A 97 -3.64 28.94 25.29
C GLU A 97 -4.33 28.08 26.32
N ASN A 98 -4.00 26.78 26.32
CA ASN A 98 -4.58 25.83 27.29
C ASN A 98 -3.59 25.59 28.43
N HIS A 99 -2.79 26.60 28.74
CA HIS A 99 -1.93 26.59 29.92
C HIS A 99 -0.95 25.42 29.88
N ASN A 100 -0.26 25.29 28.76
N ASN A 100 -0.28 25.27 28.74
CA ASN A 100 0.77 24.29 28.57
CA ASN A 100 0.78 24.30 28.53
C ASN A 100 0.19 22.87 28.60
C ASN A 100 0.31 22.85 28.42
N HIS A 101 -0.86 22.66 27.82
CA HIS A 101 -1.43 21.33 27.65
C HIS A 101 -2.05 21.19 26.26
N ALA A 102 -1.38 20.46 25.38
CA ALA A 102 -1.87 20.27 24.02
C ALA A 102 -3.08 19.33 23.98
N ASN A 103 -3.16 18.43 24.95
CA ASN A 103 -4.21 17.42 24.98
C ASN A 103 -4.22 16.67 23.65
N GLU A 104 -3.06 16.11 23.30
CA GLU A 104 -2.86 15.47 22.01
C GLU A 104 -3.22 13.98 22.04
N ARG A 105 -3.98 13.54 21.04
CA ARG A 105 -4.47 12.17 20.97
C ARG A 105 -4.06 11.54 19.64
N MET A 106 -4.10 10.22 19.58
CA MET A 106 -4.11 9.51 18.29
C MET A 106 -5.52 8.99 18.02
N LEU A 107 -6.07 9.37 16.87
CA LEU A 107 -7.46 9.09 16.54
C LEU A 107 -7.60 8.69 15.08
N PHE A 108 -8.66 7.95 14.76
CA PHE A 108 -8.88 7.50 13.39
C PHE A 108 -9.66 8.50 12.55
N HIS A 109 -9.46 8.45 11.23
CA HIS A 109 -10.24 9.25 10.29
C HIS A 109 -10.37 8.50 8.97
N GLY A 110 -11.61 8.30 8.54
CA GLY A 110 -11.86 7.73 7.23
C GLY A 110 -12.48 8.77 6.33
N SER A 111 -12.14 8.76 5.05
CA SER A 111 -12.63 9.79 4.13
C SER A 111 -12.34 9.47 2.68
N PRO A 112 -13.27 9.83 1.79
CA PRO A 112 -13.00 9.75 0.35
C PRO A 112 -11.82 10.65 -0.06
N PHE A 113 -11.46 11.59 0.81
CA PHE A 113 -10.45 12.59 0.49
C PHE A 113 -9.08 12.25 1.06
N VAL A 114 -8.90 11.01 1.53
N VAL A 114 -8.90 11.01 1.53
CA VAL A 114 -7.66 10.62 2.19
CA VAL A 114 -7.66 10.62 2.19
C VAL A 114 -6.42 10.89 1.35
C VAL A 114 -6.42 10.91 1.35
N ASN A 115 -6.51 10.68 0.05
CA ASN A 115 -5.36 10.89 -0.82
C ASN A 115 -4.98 12.36 -0.86
N ALA A 116 -5.99 13.24 -0.86
CA ALA A 116 -5.74 14.68 -0.83
C ALA A 116 -5.25 15.15 0.54
N ILE A 117 -5.72 14.49 1.60
CA ILE A 117 -5.34 14.88 2.95
C ILE A 117 -3.85 14.64 3.24
N ILE A 118 -3.33 13.50 2.77
CA ILE A 118 -1.94 13.18 3.09
C ILE A 118 -0.95 14.02 2.30
N HIS A 119 -1.40 14.61 1.20
CA HIS A 119 -0.53 15.46 0.39
C HIS A 119 -0.66 16.95 0.68
N LYS A 120 -1.87 17.39 1.01
CA LYS A 120 -2.14 18.81 1.17
C LYS A 120 -2.49 19.17 2.61
N GLY A 121 -2.83 18.17 3.41
CA GLY A 121 -3.20 18.41 4.79
C GLY A 121 -4.69 18.56 4.98
N PHE A 122 -5.15 18.51 6.23
CA PHE A 122 -6.55 18.73 6.55
C PHE A 122 -6.93 20.20 6.36
N ASP A 123 -8.09 20.45 5.79
CA ASP A 123 -8.67 21.79 5.76
C ASP A 123 -10.19 21.73 5.63
N GLU A 124 -10.81 22.88 5.34
CA GLU A 124 -12.26 23.00 5.36
C GLU A 124 -12.95 22.04 4.42
N ARG A 125 -12.27 21.67 3.34
CA ARG A 125 -12.85 20.77 2.34
C ARG A 125 -13.13 19.39 2.95
N HIS A 126 -12.51 19.12 4.09
CA HIS A 126 -12.59 17.80 4.70
C HIS A 126 -13.52 17.77 5.90
N ALA A 127 -14.20 18.90 6.14
CA ALA A 127 -15.11 19.01 7.26
C ALA A 127 -16.48 18.42 6.97
N TYR A 128 -17.27 18.22 8.02
CA TYR A 128 -18.60 17.62 7.93
C TYR A 128 -19.61 18.69 8.31
N ILE A 129 -20.26 19.28 7.31
CA ILE A 129 -21.20 20.37 7.57
C ILE A 129 -22.40 19.90 8.38
N GLY A 130 -22.85 18.68 8.13
CA GLY A 130 -24.02 18.17 8.80
C GLY A 130 -23.72 17.35 10.04
N GLY A 131 -22.54 17.57 10.62
CA GLY A 131 -22.14 16.82 11.79
C GLY A 131 -22.92 17.20 13.04
N MET A 132 -23.05 16.26 13.97
CA MET A 132 -23.81 16.48 15.18
C MET A 132 -23.26 17.66 15.97
N PHE A 133 -21.96 17.89 15.85
CA PHE A 133 -21.28 18.85 16.70
C PHE A 133 -20.78 20.06 15.91
N GLY A 134 -21.41 20.33 14.77
CA GLY A 134 -21.05 21.50 13.99
C GLY A 134 -20.16 21.19 12.82
N ALA A 135 -19.93 22.19 11.98
CA ALA A 135 -19.14 22.02 10.76
C ALA A 135 -17.65 22.01 11.09
N GLY A 136 -17.14 20.84 11.42
CA GLY A 136 -15.73 20.70 11.70
C GLY A 136 -15.21 19.38 11.15
N ILE A 137 -13.98 19.03 11.49
CA ILE A 137 -13.39 17.77 11.04
C ILE A 137 -13.47 16.74 12.16
N TYR A 138 -14.01 15.56 11.85
CA TYR A 138 -14.36 14.56 12.87
C TYR A 138 -13.37 13.40 12.94
N PHE A 139 -13.07 12.95 14.15
CA PHE A 139 -12.16 11.83 14.38
C PHE A 139 -12.76 10.86 15.40
N ALA A 140 -12.36 9.60 15.35
CA ALA A 140 -12.96 8.58 16.22
C ALA A 140 -11.94 7.77 17.00
N GLU A 141 -12.30 7.40 18.23
CA GLU A 141 -11.58 6.38 18.97
C GLU A 141 -11.87 4.97 18.45
N ASN A 142 -13.09 4.71 18.00
CA ASN A 142 -13.44 3.42 17.38
C ASN A 142 -13.02 3.40 15.91
N SER A 143 -12.08 2.52 15.55
CA SER A 143 -11.70 2.38 14.15
C SER A 143 -12.92 2.11 13.28
N SER A 144 -13.86 1.33 13.79
CA SER A 144 -15.04 0.95 13.00
C SER A 144 -16.01 2.13 12.77
N LYS A 145 -15.95 3.14 13.63
CA LYS A 145 -16.71 4.36 13.40
C LYS A 145 -16.14 5.08 12.19
N SER A 146 -14.82 5.26 12.15
CA SER A 146 -14.20 5.89 11.00
C SER A 146 -14.38 5.06 9.72
N ASN A 147 -14.43 3.74 9.85
CA ASN A 147 -14.66 2.88 8.71
C ASN A 147 -15.99 3.19 8.02
N GLN A 148 -16.95 3.71 8.79
CA GLN A 148 -18.26 4.07 8.24
C GLN A 148 -18.19 5.23 7.24
N TYR A 149 -17.05 5.92 7.19
CA TYR A 149 -16.92 7.11 6.36
C TYR A 149 -15.93 6.96 5.21
N VAL A 150 -15.32 5.78 5.11
CA VAL A 150 -14.33 5.53 4.06
C VAL A 150 -14.89 5.80 2.67
N TYR A 151 -16.15 5.42 2.45
CA TYR A 151 -16.79 5.62 1.16
C TYR A 151 -17.80 6.77 1.19
N GLY A 152 -17.67 7.62 2.20
CA GLY A 152 -18.49 8.83 2.28
C GLY A 152 -19.45 8.80 3.45
N ILE A 153 -20.20 9.88 3.62
CA ILE A 153 -21.20 9.96 4.68
C ILE A 153 -22.19 8.81 4.55
N GLY A 154 -22.40 8.09 5.65
CA GLY A 154 -23.31 6.96 5.64
C GLY A 154 -22.83 5.80 4.81
N GLY A 155 -21.53 5.80 4.47
CA GLY A 155 -20.99 4.77 3.62
C GLY A 155 -21.21 5.02 2.14
N GLY A 156 -21.86 6.13 1.82
CA GLY A 156 -22.14 6.45 0.44
C GLY A 156 -22.81 5.29 -0.29
N THR A 157 -22.29 4.97 -1.47
CA THR A 157 -22.80 3.84 -2.24
C THR A 157 -21.85 2.65 -2.16
N GLY A 158 -20.97 2.65 -1.17
CA GLY A 158 -20.05 1.54 -0.99
C GLY A 158 -18.83 1.63 -1.90
N CYS A 159 -18.15 0.51 -2.07
CA CYS A 159 -16.92 0.47 -2.87
C CYS A 159 -17.26 0.85 -4.32
N PRO A 160 -16.30 1.48 -5.02
CA PRO A 160 -16.50 1.85 -6.43
C PRO A 160 -16.78 0.67 -7.34
N VAL A 161 -16.08 -0.44 -7.12
CA VAL A 161 -16.16 -1.58 -8.02
C VAL A 161 -17.47 -2.34 -7.94
N HIS A 162 -17.96 -2.57 -6.73
CA HIS A 162 -19.12 -3.43 -6.52
C HIS A 162 -20.34 -2.69 -5.94
N LYS A 163 -20.17 -1.41 -5.63
CA LYS A 163 -21.23 -0.63 -4.99
C LYS A 163 -21.74 -1.32 -3.73
N ASP A 164 -20.82 -1.80 -2.91
CA ASP A 164 -21.14 -2.64 -1.77
C ASP A 164 -20.51 -2.05 -0.50
N ARG A 165 -21.34 -1.53 0.39
CA ARG A 165 -20.84 -0.92 1.61
C ARG A 165 -20.19 -1.97 2.53
N SER A 166 -20.51 -3.23 2.31
CA SER A 166 -19.91 -4.30 3.11
C SER A 166 -18.95 -5.14 2.29
N CYS A 167 -18.33 -4.54 1.28
CA CYS A 167 -17.45 -5.30 0.41
C CYS A 167 -16.28 -5.88 1.18
N TYR A 168 -16.02 -7.17 0.95
CA TYR A 168 -14.92 -7.87 1.61
C TYR A 168 -13.72 -8.04 0.68
N ILE A 169 -13.86 -7.53 -0.55
CA ILE A 169 -12.84 -7.70 -1.57
C ILE A 169 -11.96 -6.46 -1.72
N CYS A 170 -12.60 -5.31 -1.91
CA CYS A 170 -11.86 -4.10 -2.19
C CYS A 170 -11.07 -3.60 -0.98
N HIS A 171 -9.89 -3.05 -1.27
CA HIS A 171 -9.01 -2.52 -0.23
C HIS A 171 -9.47 -1.14 0.22
N ARG A 172 -9.54 -0.95 1.54
CA ARG A 172 -9.93 0.33 2.12
C ARG A 172 -8.73 1.00 2.76
N GLN A 173 -8.82 2.30 3.00
CA GLN A 173 -7.79 3.00 3.74
C GLN A 173 -8.36 3.84 4.87
N LEU A 174 -7.66 3.84 5.99
CA LEU A 174 -7.96 4.73 7.13
C LEU A 174 -6.70 5.51 7.47
N LEU A 175 -6.88 6.69 8.04
CA LEU A 175 -5.77 7.42 8.64
C LEU A 175 -5.79 7.26 10.16
N PHE A 176 -4.62 7.11 10.76
CA PHE A 176 -4.48 7.18 12.21
C PHE A 176 -3.67 8.45 12.48
N CYS A 177 -4.31 9.43 13.12
CA CYS A 177 -3.83 10.81 13.11
C CYS A 177 -3.45 11.33 14.48
N ARG A 178 -2.44 12.18 14.53
CA ARG A 178 -2.13 12.94 15.73
C ARG A 178 -3.03 14.16 15.75
N VAL A 179 -3.81 14.32 16.82
CA VAL A 179 -4.80 15.38 16.89
C VAL A 179 -4.66 16.20 18.18
N THR A 180 -4.59 17.52 18.01
CA THR A 180 -4.50 18.43 19.16
C THR A 180 -5.91 18.87 19.59
N LEU A 181 -6.32 18.48 20.78
CA LEU A 181 -7.66 18.81 21.26
C LEU A 181 -7.71 20.10 22.06
N GLY A 182 -6.60 20.46 22.69
CA GLY A 182 -6.58 21.61 23.59
C GLY A 182 -7.68 21.52 24.63
N LYS A 183 -8.26 22.66 24.98
CA LYS A 183 -9.43 22.69 25.84
C LYS A 183 -10.63 22.18 25.05
N SER A 184 -11.14 21.01 25.44
CA SER A 184 -12.18 20.35 24.67
C SER A 184 -13.54 20.45 25.37
N PHE A 185 -14.55 20.91 24.63
CA PHE A 185 -15.89 21.05 25.18
C PHE A 185 -16.56 19.68 25.20
N LEU A 186 -16.99 19.26 26.39
CA LEU A 186 -17.62 17.97 26.55
C LEU A 186 -19.10 18.03 26.20
N GLN A 187 -19.47 17.32 25.15
CA GLN A 187 -20.85 17.24 24.72
C GLN A 187 -21.33 15.79 24.82
N PHE A 188 -22.25 15.53 25.74
CA PHE A 188 -22.84 14.20 25.80
C PHE A 188 -23.79 14.02 24.63
N SER A 189 -23.75 12.84 24.03
CA SER A 189 -24.49 12.58 22.80
C SER A 189 -25.49 11.46 23.02
N ALA A 190 -26.69 11.63 22.47
CA ALA A 190 -27.74 10.63 22.61
C ALA A 190 -27.46 9.43 21.71
N LYS B 1 -15.72 28.94 5.52
CA LYS B 1 -17.15 28.86 5.26
C LYS B 1 -17.88 28.13 6.38
N MET B 2 -16.87 27.32 7.03
CA MET B 2 -16.59 26.35 8.30
C MET B 2 -16.62 26.88 9.77
N ALA B 3 -17.15 26.08 10.70
CA ALA B 3 -17.50 26.53 12.06
C ALA B 3 -16.39 26.81 13.03
N HIS B 4 -16.77 27.34 14.16
CA HIS B 4 -15.83 27.69 15.20
C HIS B 4 -16.14 26.85 16.38
N SER B 5 -15.12 26.47 17.13
CA SER B 5 -15.24 25.73 18.38
C SER B 5 -15.84 26.65 19.43
N PRO B 6 -16.42 26.07 20.49
CA PRO B 6 -17.00 26.90 21.55
C PRO B 6 -15.97 27.89 22.09
N PRO B 7 -16.42 29.10 22.45
CA PRO B 7 -15.46 30.12 22.89
C PRO B 7 -14.64 29.64 24.09
N GLY B 8 -13.32 29.79 23.99
CA GLY B 8 -12.45 29.30 25.04
C GLY B 8 -12.02 27.86 24.81
N HIS B 9 -12.62 27.21 23.82
CA HIS B 9 -12.33 25.80 23.55
C HIS B 9 -11.72 25.60 22.17
N HIS B 10 -10.95 24.51 22.01
CA HIS B 10 -10.23 24.24 20.78
C HIS B 10 -10.80 23.04 20.03
N SER B 11 -11.75 22.35 20.65
CA SER B 11 -12.35 21.16 20.05
C SER B 11 -13.60 20.79 20.83
N VAL B 12 -14.35 19.83 20.29
CA VAL B 12 -15.50 19.27 20.99
C VAL B 12 -15.29 17.78 21.17
N THR B 13 -15.64 17.28 22.35
CA THR B 13 -15.63 15.85 22.62
C THR B 13 -17.07 15.34 22.62
N GLY B 14 -17.39 14.54 21.61
CA GLY B 14 -18.72 13.95 21.54
C GLY B 14 -18.71 12.58 22.20
N ARG B 15 -19.35 12.48 23.36
CA ARG B 15 -19.29 11.25 24.14
C ARG B 15 -20.64 10.57 24.19
N PRO B 16 -20.75 9.41 23.53
CA PRO B 16 -22.01 8.65 23.55
C PRO B 16 -22.45 8.31 24.97
N SER B 17 -23.72 8.57 25.28
CA SER B 17 -24.23 8.41 26.63
C SER B 17 -25.24 7.27 26.73
N VAL B 18 -25.65 6.72 25.59
CA VAL B 18 -26.59 5.61 25.59
C VAL B 18 -25.90 4.27 25.36
N ASN B 19 -25.07 4.19 24.33
CA ASN B 19 -24.31 2.97 24.06
C ASN B 19 -23.04 2.96 24.90
N GLY B 20 -22.99 2.06 25.88
CA GLY B 20 -21.90 2.05 26.83
C GLY B 20 -20.61 1.49 26.28
N LEU B 21 -20.66 0.90 25.10
CA LEU B 21 -19.47 0.35 24.47
C LEU B 21 -18.93 1.27 23.39
N ALA B 22 -19.68 2.30 23.05
CA ALA B 22 -19.25 3.24 22.03
C ALA B 22 -18.25 4.23 22.61
N LEU B 23 -17.12 4.39 21.94
CA LEU B 23 -16.11 5.33 22.41
C LEU B 23 -16.37 6.73 21.85
N ALA B 24 -15.52 7.68 22.23
CA ALA B 24 -15.77 9.07 21.90
C ALA B 24 -15.47 9.42 20.46
N GLU B 25 -16.07 10.50 20.00
CA GLU B 25 -15.75 11.10 18.71
C GLU B 25 -15.33 12.53 19.00
N TYR B 26 -14.44 13.08 18.19
CA TYR B 26 -13.90 14.41 18.43
C TYR B 26 -13.99 15.29 17.20
N VAL B 27 -14.20 16.59 17.41
CA VAL B 27 -14.28 17.53 16.32
C VAL B 27 -13.29 18.68 16.54
N ILE B 28 -12.51 18.99 15.51
CA ILE B 28 -11.67 20.18 15.50
C ILE B 28 -12.16 21.10 14.39
N TYR B 29 -11.85 22.39 14.50
CA TYR B 29 -12.36 23.37 13.56
C TYR B 29 -11.23 24.11 12.85
N ARG B 30 -10.00 23.66 13.11
CA ARG B 30 -8.84 24.10 12.35
C ARG B 30 -8.12 22.86 11.85
N GLY B 31 -7.91 22.78 10.53
CA GLY B 31 -7.24 21.63 9.97
C GLY B 31 -5.81 21.47 10.46
N GLU B 32 -5.21 22.57 10.90
CA GLU B 32 -3.83 22.53 11.39
C GLU B 32 -3.69 21.76 12.71
N GLN B 33 -4.82 21.39 13.31
CA GLN B 33 -4.79 20.65 14.57
C GLN B 33 -4.81 19.13 14.39
N ALA B 34 -4.61 18.67 13.16
CA ALA B 34 -4.46 17.24 12.93
C ALA B 34 -3.33 16.96 11.93
N TYR B 35 -2.58 15.89 12.17
CA TYR B 35 -1.57 15.44 11.23
C TYR B 35 -1.75 13.96 10.95
N PRO B 36 -1.84 13.59 9.67
CA PRO B 36 -2.09 12.19 9.26
C PRO B 36 -0.85 11.31 9.37
N GLU B 37 -0.61 10.74 10.55
CA GLU B 37 0.66 10.07 10.83
C GLU B 37 0.82 8.70 10.17
N TYR B 38 -0.27 7.92 10.13
CA TYR B 38 -0.24 6.59 9.51
C TYR B 38 -1.34 6.46 8.47
N LEU B 39 -1.01 5.83 7.35
CA LEU B 39 -1.99 5.40 6.36
C LEU B 39 -2.10 3.88 6.40
N ILE B 40 -3.31 3.40 6.69
CA ILE B 40 -3.55 1.97 6.90
C ILE B 40 -4.41 1.42 5.77
N THR B 41 -3.91 0.40 5.08
CA THR B 41 -4.67 -0.24 4.01
C THR B 41 -5.16 -1.60 4.50
N TYR B 42 -6.45 -1.90 4.29
CA TYR B 42 -7.05 -3.06 4.93
C TYR B 42 -8.30 -3.54 4.19
N GLN B 43 -8.76 -4.74 4.56
CA GLN B 43 -10.09 -5.21 4.19
C GLN B 43 -10.88 -5.48 5.47
N ILE B 44 -12.19 -5.29 5.44
CA ILE B 44 -13.00 -5.83 6.52
C ILE B 44 -13.18 -7.32 6.25
N MET B 45 -13.31 -8.12 7.30
N MET B 45 -13.31 -8.10 7.32
CA MET B 45 -13.40 -9.57 7.16
CA MET B 45 -13.42 -9.55 7.22
C MET B 45 -14.80 -10.09 7.48
C MET B 45 -14.85 -10.02 7.43
N ARG B 46 -15.28 -11.00 6.64
CA ARG B 46 -16.61 -11.57 6.82
C ARG B 46 -16.58 -12.50 8.03
N PRO B 47 -17.51 -12.30 8.99
CA PRO B 47 -17.56 -13.17 10.16
C PRO B 47 -17.79 -14.62 9.78
N GLU B 48 -17.15 -15.53 10.51
CA GLU B 48 -17.28 -16.96 10.22
C GLU B 48 -18.57 -17.51 10.82
N GLY C 30 21.67 -27.37 -14.28
CA GLY C 30 21.44 -27.44 -15.74
C GLY C 30 21.31 -26.06 -16.38
N THR C 31 21.56 -25.02 -15.60
CA THR C 31 21.41 -23.65 -16.11
C THR C 31 22.69 -23.12 -16.72
N ILE C 32 22.58 -22.58 -17.93
CA ILE C 32 23.66 -21.87 -18.59
C ILE C 32 23.25 -20.41 -18.78
N LEU C 33 24.20 -19.50 -18.62
CA LEU C 33 23.95 -18.09 -18.89
C LEU C 33 24.74 -17.64 -20.12
N ILE C 34 24.03 -17.11 -21.11
CA ILE C 34 24.67 -16.65 -22.34
C ILE C 34 24.60 -15.12 -22.41
N ASP C 35 25.77 -14.49 -22.52
CA ASP C 35 25.83 -13.03 -22.64
C ASP C 35 25.26 -12.58 -23.98
N LEU C 36 24.43 -11.55 -23.95
CA LEU C 36 23.97 -10.90 -25.17
C LEU C 36 24.87 -9.71 -25.49
N SER C 37 25.22 -9.57 -26.76
CA SER C 37 25.97 -8.41 -27.20
C SER C 37 25.07 -7.19 -27.18
N PRO C 38 25.62 -6.02 -26.79
CA PRO C 38 24.83 -4.79 -26.86
C PRO C 38 24.38 -4.45 -28.28
N ASP C 39 25.01 -5.09 -29.27
CA ASP C 39 24.65 -4.90 -30.68
C ASP C 39 23.43 -5.74 -31.07
N ASP C 40 23.07 -6.67 -30.19
CA ASP C 40 21.99 -7.61 -30.47
C ASP C 40 20.64 -6.91 -30.26
N LYS C 41 19.72 -7.11 -31.20
CA LYS C 41 18.41 -6.48 -31.11
C LYS C 41 17.69 -6.95 -29.84
N GLU C 42 18.03 -8.16 -29.41
CA GLU C 42 17.42 -8.74 -28.22
C GLU C 42 17.91 -8.02 -26.96
N PHE C 43 19.19 -7.68 -26.93
CA PHE C 43 19.74 -6.87 -25.84
C PHE C 43 19.02 -5.54 -25.82
N GLN C 44 18.88 -4.93 -26.99
CA GLN C 44 18.35 -3.58 -27.07
C GLN C 44 16.88 -3.46 -26.69
N SER C 45 16.08 -4.47 -27.03
CA SER C 45 14.66 -4.42 -26.65
C SER C 45 14.46 -4.69 -25.16
N VAL C 46 15.29 -5.55 -24.58
CA VAL C 46 15.23 -5.79 -23.13
C VAL C 46 15.69 -4.55 -22.36
N GLU C 47 16.80 -3.94 -22.78
CA GLU C 47 17.24 -2.71 -22.14
C GLU C 47 16.17 -1.64 -22.22
N GLU C 48 15.51 -1.50 -23.37
CA GLU C 48 14.52 -0.45 -23.52
C GLU C 48 13.33 -0.67 -22.60
N GLU C 49 12.94 -1.92 -22.39
CA GLU C 49 11.83 -2.19 -21.47
C GLU C 49 12.25 -1.88 -20.04
N MET C 50 13.49 -2.18 -19.71
CA MET C 50 14.03 -1.85 -18.40
C MET C 50 14.01 -0.33 -18.16
N GLN C 51 14.60 0.42 -19.08
CA GLN C 51 14.76 1.86 -18.90
C GLN C 51 13.41 2.59 -18.94
N SER C 52 12.53 2.17 -19.85
CA SER C 52 11.32 2.92 -20.13
C SER C 52 10.23 2.73 -19.09
N THR C 53 10.41 1.74 -18.21
CA THR C 53 9.41 1.46 -17.18
C THR C 53 9.86 1.88 -15.78
N VAL C 54 10.89 2.72 -15.71
CA VAL C 54 11.23 3.39 -14.47
C VAL C 54 10.18 4.45 -14.15
N ARG C 55 9.77 4.53 -12.89
CA ARG C 55 8.92 5.62 -12.44
C ARG C 55 9.36 6.09 -11.07
N GLU C 56 8.81 7.21 -10.63
CA GLU C 56 8.99 7.65 -9.25
C GLU C 56 8.09 6.84 -8.32
N HIS C 57 8.56 6.62 -7.10
CA HIS C 57 7.80 5.84 -6.13
C HIS C 57 7.38 6.66 -4.93
N ARG C 58 6.30 6.22 -4.29
CA ARG C 58 5.63 6.98 -3.24
C ARG C 58 6.49 7.10 -2.00
N ASP C 59 7.52 6.26 -1.89
CA ASP C 59 8.42 6.30 -0.73
C ASP C 59 9.60 7.24 -0.95
N GLY C 60 9.57 7.99 -2.04
CA GLY C 60 10.60 8.98 -2.30
C GLY C 60 11.97 8.36 -2.54
N GLY C 61 12.00 7.04 -2.77
CA GLY C 61 13.25 6.37 -3.03
C GLY C 61 13.77 5.56 -1.86
N HIS C 62 12.99 5.50 -0.78
CA HIS C 62 13.44 4.84 0.43
C HIS C 62 13.86 3.39 0.18
N ALA C 63 13.01 2.63 -0.51
CA ALA C 63 13.24 1.21 -0.67
C ALA C 63 14.28 0.89 -1.74
N GLY C 64 14.16 1.53 -2.89
CA GLY C 64 14.96 1.14 -4.04
C GLY C 64 16.02 2.13 -4.46
N GLY C 65 16.02 3.30 -3.83
CA GLY C 65 16.99 4.32 -4.19
C GLY C 65 16.43 5.43 -5.03
N ILE C 66 17.20 6.50 -5.20
CA ILE C 66 16.79 7.64 -6.00
C ILE C 66 17.46 7.62 -7.36
N PHE C 67 16.66 7.47 -8.41
CA PHE C 67 17.19 7.35 -9.77
C PHE C 67 16.09 7.52 -10.81
N ASN C 68 16.49 7.93 -12.02
CA ASN C 68 15.58 8.05 -13.14
C ASN C 68 15.91 7.04 -14.24
N ARG C 69 17.11 6.46 -14.17
CA ARG C 69 17.55 5.50 -15.17
C ARG C 69 18.64 4.59 -14.64
N TYR C 70 18.98 3.56 -15.41
CA TYR C 70 20.00 2.59 -15.00
C TYR C 70 21.23 2.68 -15.89
N ASN C 71 22.34 2.21 -15.36
CA ASN C 71 23.48 1.84 -16.19
C ASN C 71 23.45 0.32 -16.33
N ILE C 72 23.08 -0.15 -17.53
CA ILE C 72 23.03 -1.58 -17.78
C ILE C 72 24.43 -2.08 -18.04
N LEU C 73 24.84 -3.09 -17.27
CA LEU C 73 26.20 -3.62 -17.36
C LEU C 73 26.24 -4.90 -18.19
N LYS C 74 25.20 -5.71 -18.07
CA LYS C 74 25.15 -7.00 -18.77
C LYS C 74 23.72 -7.51 -18.87
N ILE C 75 23.38 -8.15 -19.98
CA ILE C 75 22.14 -8.88 -20.09
C ILE C 75 22.44 -10.30 -20.54
N GLN C 76 22.03 -11.27 -19.73
CA GLN C 76 22.26 -12.68 -20.04
C GLN C 76 20.97 -13.43 -20.27
N LYS C 77 20.99 -14.31 -21.27
CA LYS C 77 19.89 -15.24 -21.50
C LYS C 77 20.05 -16.42 -20.55
N VAL C 78 18.97 -16.78 -19.86
CA VAL C 78 18.99 -17.89 -18.92
C VAL C 78 18.45 -19.14 -19.59
N CYS C 79 19.29 -20.17 -19.69
CA CYS C 79 18.92 -21.38 -20.43
C CYS C 79 18.92 -22.60 -19.52
N ASN C 80 17.75 -23.20 -19.37
CA ASN C 80 17.63 -24.45 -18.63
C ASN C 80 16.48 -25.26 -19.21
N LYS C 81 16.82 -26.39 -19.83
CA LYS C 81 15.84 -27.20 -20.55
C LYS C 81 14.75 -27.71 -19.62
N LYS C 82 15.15 -28.21 -18.47
CA LYS C 82 14.24 -28.77 -17.47
C LYS C 82 13.24 -27.73 -16.99
N LEU C 83 13.73 -26.54 -16.65
CA LEU C 83 12.88 -25.49 -16.11
C LEU C 83 11.98 -24.91 -17.20
N TRP C 84 12.46 -24.89 -18.44
CA TRP C 84 11.64 -24.38 -19.54
C TRP C 84 10.47 -25.31 -19.83
N GLU C 85 10.72 -26.61 -19.82
CA GLU C 85 9.67 -27.58 -20.08
C GLU C 85 8.66 -27.60 -18.94
N ARG C 86 9.14 -27.35 -17.73
CA ARG C 86 8.27 -27.20 -16.57
C ARG C 86 7.33 -26.01 -16.81
N TYR C 87 7.87 -24.93 -17.34
CA TYR C 87 7.06 -23.75 -17.64
C TYR C 87 6.03 -24.02 -18.74
N THR C 88 6.47 -24.64 -19.84
CA THR C 88 5.58 -24.82 -20.97
C THR C 88 4.49 -25.86 -20.71
N HIS C 89 4.80 -26.82 -19.84
CA HIS C 89 3.81 -27.81 -19.44
C HIS C 89 2.66 -27.12 -18.70
N ARG C 90 3.00 -26.26 -17.75
CA ARG C 90 1.98 -25.54 -17.00
C ARG C 90 1.25 -24.54 -17.90
N ARG C 91 1.98 -23.92 -18.82
CA ARG C 91 1.38 -22.94 -19.71
C ARG C 91 0.26 -23.57 -20.53
N LYS C 92 0.50 -24.80 -20.97
CA LYS C 92 -0.49 -25.54 -21.76
C LYS C 92 -1.70 -25.90 -20.92
N GLU C 93 -1.47 -26.30 -19.67
CA GLU C 93 -2.57 -26.55 -18.74
C GLU C 93 -3.44 -25.31 -18.59
N VAL C 94 -2.81 -24.15 -18.37
CA VAL C 94 -3.56 -22.92 -18.19
C VAL C 94 -4.28 -22.50 -19.46
N SER C 95 -3.58 -22.57 -20.59
CA SER C 95 -4.20 -22.21 -21.85
CA SER C 95 -4.18 -22.23 -21.87
C SER C 95 -5.45 -23.05 -22.12
N GLU C 96 -5.38 -24.34 -21.85
CA GLU C 96 -6.52 -25.20 -22.13
C GLU C 96 -7.70 -24.93 -21.21
N GLU C 97 -7.42 -24.31 -20.06
CA GLU C 97 -8.48 -23.92 -19.13
C GLU C 97 -9.03 -22.53 -19.44
N ASN C 98 -8.48 -21.88 -20.47
CA ASN C 98 -8.80 -20.48 -20.74
C ASN C 98 -8.87 -20.24 -22.24
N HIS C 99 -9.77 -20.98 -22.89
CA HIS C 99 -9.95 -20.94 -24.34
C HIS C 99 -8.67 -20.71 -25.14
N ASN C 100 -7.67 -21.53 -24.87
N ASN C 100 -7.68 -21.56 -24.90
CA ASN C 100 -6.42 -21.55 -25.63
CA ASN C 100 -6.42 -21.55 -25.63
C ASN C 100 -5.64 -20.24 -25.53
C ASN C 100 -5.74 -20.19 -25.56
N HIS C 101 -5.72 -19.60 -24.37
CA HIS C 101 -5.10 -18.31 -24.15
C HIS C 101 -4.31 -18.30 -22.84
N ALA C 102 -2.98 -18.34 -22.95
CA ALA C 102 -2.12 -18.36 -21.77
C ALA C 102 -2.06 -17.00 -21.10
N ASN C 103 -2.37 -15.93 -21.85
CA ASN C 103 -2.26 -14.56 -21.34
C ASN C 103 -0.85 -14.35 -20.77
N GLU C 104 0.14 -14.56 -21.64
CA GLU C 104 1.54 -14.53 -21.25
C GLU C 104 2.12 -13.12 -21.35
N ARG C 105 2.84 -12.73 -20.30
CA ARG C 105 3.46 -11.40 -20.23
C ARG C 105 4.97 -11.53 -20.00
N MET C 106 5.70 -10.46 -20.27
CA MET C 106 7.08 -10.33 -19.82
C MET C 106 7.12 -9.31 -18.70
N LEU C 107 7.60 -9.73 -17.54
CA LEU C 107 7.49 -8.93 -16.31
C LEU C 107 8.79 -9.01 -15.52
N PHE C 108 9.02 -8.02 -14.65
CA PHE C 108 10.25 -7.98 -13.87
C PHE C 108 10.10 -8.64 -12.50
N HIS C 109 11.20 -9.15 -11.97
CA HIS C 109 11.25 -9.67 -10.61
C HIS C 109 12.61 -9.39 -10.00
N GLY C 110 12.61 -8.73 -8.84
CA GLY C 110 13.85 -8.55 -8.08
C GLY C 110 13.79 -9.38 -6.81
N SER C 111 14.92 -9.94 -6.39
CA SER C 111 14.91 -10.81 -5.23
C SER C 111 16.31 -11.14 -4.72
N PRO C 112 16.46 -11.25 -3.39
CA PRO C 112 17.71 -11.75 -2.81
C PRO C 112 18.01 -13.17 -3.29
N PHE C 113 16.99 -13.85 -3.81
CA PHE C 113 17.10 -15.26 -4.17
C PHE C 113 17.28 -15.49 -5.66
N VAL C 114 17.71 -14.44 -6.37
CA VAL C 114 17.84 -14.51 -7.81
C VAL C 114 18.68 -15.70 -8.29
N ASN C 115 19.74 -16.04 -7.58
CA ASN C 115 20.57 -17.16 -8.02
C ASN C 115 19.89 -18.51 -7.82
N ALA C 116 19.17 -18.68 -6.72
CA ALA C 116 18.42 -19.90 -6.50
C ALA C 116 17.33 -20.03 -7.56
N ILE C 117 16.76 -18.90 -7.97
CA ILE C 117 15.68 -18.90 -8.94
C ILE C 117 16.15 -19.34 -10.33
N ILE C 118 17.28 -18.82 -10.79
CA ILE C 118 17.73 -19.16 -12.14
C ILE C 118 18.28 -20.58 -12.24
N HIS C 119 18.66 -21.17 -11.11
CA HIS C 119 19.20 -22.53 -11.14
C HIS C 119 18.17 -23.60 -10.80
N LYS C 120 17.19 -23.27 -9.96
CA LYS C 120 16.25 -24.25 -9.46
C LYS C 120 14.79 -23.93 -9.80
N GLY C 121 14.55 -22.71 -10.25
CA GLY C 121 13.20 -22.31 -10.61
C GLY C 121 12.47 -21.59 -9.49
N PHE C 122 11.39 -20.89 -9.84
CA PHE C 122 10.55 -20.26 -8.84
C PHE C 122 9.80 -21.33 -8.04
N ASP C 123 9.72 -21.13 -6.74
CA ASP C 123 8.83 -21.96 -5.92
C ASP C 123 8.35 -21.22 -4.67
N GLU C 124 7.77 -21.96 -3.75
CA GLU C 124 7.12 -21.40 -2.59
C GLU C 124 8.05 -20.54 -1.75
N ARG C 125 9.32 -20.83 -1.74
CA ARG C 125 10.28 -20.07 -1.00
C ARG C 125 10.55 -18.67 -1.51
N HIS C 126 10.10 -18.41 -2.71
CA HIS C 126 10.25 -17.11 -3.35
C HIS C 126 9.02 -16.24 -3.28
N ALA C 127 7.99 -16.75 -2.60
CA ALA C 127 6.73 -16.05 -2.47
C ALA C 127 6.79 -14.99 -1.37
N TYR C 128 5.79 -14.12 -1.35
CA TYR C 128 5.74 -13.00 -0.40
C TYR C 128 4.52 -13.22 0.50
N ILE C 129 4.77 -13.75 1.69
CA ILE C 129 3.69 -14.12 2.60
C ILE C 129 2.85 -12.91 3.00
N GLY C 130 3.51 -11.77 3.19
CA GLY C 130 2.81 -10.58 3.62
C GLY C 130 2.41 -9.64 2.50
N GLY C 131 2.29 -10.17 1.28
CA GLY C 131 1.98 -9.32 0.14
C GLY C 131 0.54 -8.81 0.14
N MET C 132 0.29 -7.75 -0.63
CA MET C 132 -1.02 -7.13 -0.70
C MET C 132 -2.09 -8.10 -1.21
N PHE C 133 -1.67 -9.15 -1.89
CA PHE C 133 -2.61 -10.07 -2.51
C PHE C 133 -2.38 -11.52 -2.07
N GLY C 134 -1.80 -11.69 -0.90
CA GLY C 134 -1.63 -13.02 -0.34
C GLY C 134 -0.30 -13.65 -0.71
N ALA C 135 -0.07 -14.84 -0.17
CA ALA C 135 1.23 -15.51 -0.31
C ALA C 135 1.39 -16.11 -1.71
N GLY C 136 1.90 -15.30 -2.62
CA GLY C 136 2.24 -15.79 -3.95
C GLY C 136 3.52 -15.13 -4.41
N ILE C 137 3.87 -15.35 -5.67
CA ILE C 137 5.09 -14.75 -6.24
C ILE C 137 4.72 -13.53 -7.07
N TYR C 138 5.37 -12.41 -6.77
CA TYR C 138 4.97 -11.10 -7.28
C TYR C 138 5.87 -10.62 -8.42
N PHE C 139 5.27 -10.02 -9.44
CA PHE C 139 5.99 -9.48 -10.60
C PHE C 139 5.49 -8.08 -10.94
N ALA C 140 6.33 -7.27 -11.58
CA ALA C 140 5.95 -5.89 -11.88
C ALA C 140 6.14 -5.52 -13.36
N GLU C 141 5.26 -4.65 -13.85
CA GLU C 141 5.49 -4.01 -15.15
C GLU C 141 6.56 -2.92 -15.05
N ASN C 142 6.58 -2.18 -13.94
CA ASN C 142 7.64 -1.19 -13.69
C ASN C 142 8.92 -1.86 -13.20
N SER C 143 10.00 -1.75 -13.95
CA SER C 143 11.27 -2.28 -13.49
C SER C 143 11.67 -1.69 -12.14
N SER C 144 11.34 -0.42 -11.94
CA SER C 144 11.72 0.25 -10.70
C SER C 144 10.94 -0.29 -9.50
N LYS C 145 9.78 -0.89 -9.73
CA LYS C 145 9.07 -1.55 -8.64
C LYS C 145 9.85 -2.78 -8.19
N SER C 146 10.25 -3.61 -9.15
CA SER C 146 11.02 -4.79 -8.82
C SER C 146 12.37 -4.43 -8.20
N ASN C 147 12.93 -3.29 -8.61
CA ASN C 147 14.19 -2.83 -8.03
C ASN C 147 14.07 -2.60 -6.52
N GLN C 148 12.87 -2.29 -6.04
CA GLN C 148 12.65 -2.11 -4.61
C GLN C 148 12.86 -3.38 -3.80
N TYR C 149 12.95 -4.52 -4.47
CA TYR C 149 13.03 -5.80 -3.77
C TYR C 149 14.36 -6.54 -3.96
N VAL C 150 15.26 -5.94 -4.73
CA VAL C 150 16.57 -6.56 -4.98
C VAL C 150 17.30 -6.93 -3.69
N TYR C 151 17.20 -6.05 -2.68
CA TYR C 151 17.86 -6.31 -1.40
C TYR C 151 16.87 -6.74 -0.32
N GLY C 152 15.69 -7.19 -0.76
CA GLY C 152 14.71 -7.70 0.19
C GLY C 152 13.47 -6.82 0.28
N ILE C 153 12.51 -7.27 1.09
CA ILE C 153 11.29 -6.49 1.31
C ILE C 153 11.63 -5.11 1.84
N GLY C 154 11.05 -4.08 1.21
CA GLY C 154 11.34 -2.72 1.63
C GLY C 154 12.78 -2.29 1.38
N GLY C 155 13.49 -3.08 0.57
CA GLY C 155 14.88 -2.78 0.29
C GLY C 155 15.82 -3.31 1.35
N GLY C 156 15.27 -3.96 2.35
CA GLY C 156 16.08 -4.54 3.41
C GLY C 156 16.99 -3.51 4.04
N THR C 157 18.26 -3.88 4.21
CA THR C 157 19.26 -2.96 4.76
C THR C 157 20.14 -2.40 3.65
N GLY C 158 19.70 -2.55 2.40
CA GLY C 158 20.47 -2.03 1.29
C GLY C 158 21.56 -2.98 0.84
N CYS C 159 22.50 -2.48 0.06
CA CYS C 159 23.55 -3.32 -0.48
C CYS C 159 24.38 -3.91 0.65
N PRO C 160 24.90 -5.13 0.44
CA PRO C 160 25.69 -5.81 1.49
C PRO C 160 26.99 -5.10 1.86
N VAL C 161 27.57 -4.37 0.91
CA VAL C 161 28.87 -3.74 1.14
C VAL C 161 28.78 -2.42 1.89
N HIS C 162 27.79 -1.59 1.55
CA HIS C 162 27.69 -0.25 2.12
C HIS C 162 26.44 -0.05 2.96
N LYS C 163 25.55 -1.05 2.97
CA LYS C 163 24.29 -0.95 3.72
C LYS C 163 23.49 0.27 3.24
N ASP C 164 23.47 0.45 1.92
CA ASP C 164 22.88 1.63 1.32
C ASP C 164 21.80 1.18 0.34
N ARG C 165 20.54 1.49 0.63
CA ARG C 165 19.45 1.12 -0.27
C ARG C 165 19.51 1.92 -1.57
N SER C 166 20.22 3.05 -1.55
CA SER C 166 20.36 3.87 -2.75
C SER C 166 21.78 3.81 -3.32
N CYS C 167 22.48 2.70 -3.09
CA CYS C 167 23.86 2.61 -3.54
C CYS C 167 23.97 2.74 -5.05
N TYR C 168 24.91 3.57 -5.49
CA TYR C 168 25.12 3.81 -6.91
C TYR C 168 26.36 3.07 -7.40
N ILE C 169 27.01 2.35 -6.49
CA ILE C 169 28.26 1.68 -6.82
C ILE C 169 28.06 0.18 -7.06
N CYS C 170 27.39 -0.48 -6.13
CA CYS C 170 27.25 -1.92 -6.18
C CYS C 170 26.33 -2.39 -7.32
N HIS C 171 26.68 -3.54 -7.89
CA HIS C 171 25.92 -4.10 -9.00
C HIS C 171 24.66 -4.79 -8.49
N ARG C 172 23.54 -4.50 -9.15
CA ARG C 172 22.26 -5.12 -8.83
C ARG C 172 21.86 -6.06 -9.95
N GLN C 173 20.94 -6.98 -9.66
CA GLN C 173 20.39 -7.83 -10.71
C GLN C 173 18.87 -7.90 -10.65
N LEU C 174 18.24 -7.87 -11.83
CA LEU C 174 16.80 -8.13 -11.96
C LEU C 174 16.60 -9.27 -12.94
N LEU C 175 15.52 -10.01 -12.75
CA LEU C 175 15.06 -10.98 -13.75
C LEU C 175 13.96 -10.36 -14.61
N PHE C 176 14.04 -10.60 -15.92
CA PHE C 176 12.95 -10.27 -16.83
C PHE C 176 12.34 -11.61 -17.22
N CYS C 177 11.09 -11.83 -16.82
CA CYS C 177 10.50 -13.17 -16.77
C CYS C 177 9.31 -13.34 -17.69
N ARG C 178 9.18 -14.52 -18.26
CA ARG C 178 7.99 -14.89 -19.00
C ARG C 178 6.98 -15.46 -18.00
N VAL C 179 5.79 -14.87 -17.94
CA VAL C 179 4.82 -15.22 -16.91
C VAL C 179 3.45 -15.53 -17.50
N THR C 180 2.88 -16.67 -17.13
CA THR C 180 1.55 -17.05 -17.56
C THR C 180 0.50 -16.55 -16.57
N LEU C 181 -0.38 -15.66 -17.01
CA LEU C 181 -1.41 -15.11 -16.14
C LEU C 181 -2.74 -15.85 -16.22
N GLY C 182 -3.00 -16.49 -17.37
CA GLY C 182 -4.30 -17.11 -17.58
C GLY C 182 -5.43 -16.14 -17.30
N LYS C 183 -6.50 -16.64 -16.68
CA LYS C 183 -7.59 -15.77 -16.25
C LYS C 183 -7.21 -15.10 -14.94
N SER C 184 -7.04 -13.79 -14.97
CA SER C 184 -6.49 -13.07 -13.83
C SER C 184 -7.58 -12.33 -13.07
N PHE C 185 -7.57 -12.47 -11.75
CA PHE C 185 -8.53 -11.78 -10.89
C PHE C 185 -8.12 -10.32 -10.72
N LEU C 186 -9.00 -9.41 -11.09
CA LEU C 186 -8.68 -7.99 -11.07
C LEU C 186 -8.95 -7.38 -9.69
N GLN C 187 -7.90 -6.87 -9.06
CA GLN C 187 -8.01 -6.19 -7.78
C GLN C 187 -7.66 -4.72 -7.99
N PHE C 188 -8.62 -3.84 -7.76
CA PHE C 188 -8.37 -2.41 -7.82
C PHE C 188 -7.77 -2.02 -6.46
N SER C 189 -6.68 -1.26 -6.46
CA SER C 189 -6.00 -0.95 -5.20
C SER C 189 -5.01 0.19 -5.33
N MET D 2 2.39 -21.64 -0.20
CA MET D 2 1.72 -20.55 -0.89
C MET D 2 0.20 -20.65 -0.81
N ALA D 3 -0.47 -19.54 -1.05
CA ALA D 3 -1.93 -19.51 -1.12
C ALA D 3 -2.40 -20.04 -2.46
N HIS D 4 -3.72 -20.14 -2.62
CA HIS D 4 -4.30 -20.52 -3.91
C HIS D 4 -4.76 -19.27 -4.65
N SER D 5 -4.76 -19.34 -5.98
CA SER D 5 -5.40 -18.32 -6.78
C SER D 5 -6.87 -18.29 -6.41
N PRO D 6 -7.53 -17.13 -6.58
CA PRO D 6 -8.97 -17.11 -6.35
C PRO D 6 -9.65 -18.16 -7.23
N PRO D 7 -10.68 -18.82 -6.70
CA PRO D 7 -11.35 -19.89 -7.47
C PRO D 7 -11.72 -19.41 -8.86
N GLY D 8 -11.40 -20.23 -9.86
CA GLY D 8 -11.73 -19.89 -11.23
C GLY D 8 -10.70 -19.00 -11.90
N HIS D 9 -9.59 -18.73 -11.22
CA HIS D 9 -8.55 -17.85 -11.76
C HIS D 9 -7.15 -18.48 -11.68
N HIS D 10 -6.21 -17.94 -12.47
CA HIS D 10 -4.84 -18.45 -12.50
C HIS D 10 -3.82 -17.47 -11.92
N SER D 11 -4.27 -16.27 -11.61
CA SER D 11 -3.38 -15.22 -11.11
C SER D 11 -4.22 -14.08 -10.56
N VAL D 12 -3.55 -13.12 -9.93
CA VAL D 12 -4.18 -11.87 -9.52
C VAL D 12 -3.49 -10.68 -10.19
N THR D 13 -4.27 -9.69 -10.60
CA THR D 13 -3.74 -8.43 -11.10
C THR D 13 -4.01 -7.33 -10.09
N GLY D 14 -2.95 -6.66 -9.65
CA GLY D 14 -3.13 -5.48 -8.83
C GLY D 14 -3.13 -4.22 -9.69
N ARG D 15 -4.30 -3.62 -9.84
N ARG D 15 -4.32 -3.64 -9.84
CA ARG D 15 -4.44 -2.41 -10.64
CA ARG D 15 -4.49 -2.38 -10.56
C ARG D 15 -4.39 -1.16 -9.77
C ARG D 15 -4.27 -1.21 -9.62
N PRO D 16 -3.45 -0.25 -10.06
CA PRO D 16 -3.34 1.02 -9.31
C PRO D 16 -4.60 1.87 -9.46
N SER D 17 -5.07 2.42 -8.34
CA SER D 17 -6.32 3.20 -8.33
C SER D 17 -6.11 4.59 -7.74
N VAL D 18 -4.87 4.92 -7.39
CA VAL D 18 -4.54 6.25 -6.89
C VAL D 18 -3.47 6.92 -7.73
N ASN D 19 -2.33 6.26 -7.86
CA ASN D 19 -1.22 6.80 -8.64
C ASN D 19 -1.43 6.51 -10.12
N GLY D 20 -1.79 7.56 -10.87
CA GLY D 20 -2.10 7.40 -12.27
C GLY D 20 -0.91 7.04 -13.13
N LEU D 21 0.29 7.08 -12.57
CA LEU D 21 1.48 6.75 -13.35
C LEU D 21 1.99 5.34 -13.10
N ALA D 22 1.48 4.69 -12.06
CA ALA D 22 1.93 3.33 -11.73
C ALA D 22 1.38 2.30 -12.71
N LEU D 23 2.23 1.34 -13.08
CA LEU D 23 1.80 0.22 -13.90
C LEU D 23 1.35 -0.93 -13.01
N ALA D 24 0.77 -1.96 -13.62
CA ALA D 24 0.21 -3.07 -12.86
C ALA D 24 1.27 -3.95 -12.21
N GLU D 25 0.86 -4.64 -11.17
CA GLU D 25 1.66 -5.68 -10.54
C GLU D 25 0.84 -6.97 -10.58
N TYR D 26 1.51 -8.11 -10.61
CA TYR D 26 0.82 -9.40 -10.77
C TYR D 26 1.32 -10.43 -9.78
N VAL D 27 0.44 -11.36 -9.43
CA VAL D 27 0.80 -12.43 -8.51
C VAL D 27 0.39 -13.79 -9.08
N ILE D 28 1.31 -14.73 -9.07
CA ILE D 28 0.99 -16.12 -9.37
C ILE D 28 1.19 -16.98 -8.13
N TYR D 29 0.52 -18.13 -8.09
CA TYR D 29 0.55 -18.97 -6.91
C TYR D 29 1.11 -20.35 -7.23
N ARG D 30 1.69 -20.46 -8.42
CA ARG D 30 2.43 -21.65 -8.84
C ARG D 30 3.74 -21.19 -9.47
N GLY D 31 4.86 -21.66 -8.95
CA GLY D 31 6.15 -21.25 -9.47
C GLY D 31 6.33 -21.65 -10.92
N GLU D 32 5.60 -22.67 -11.35
CA GLU D 32 5.71 -23.18 -12.71
C GLU D 32 5.15 -22.21 -13.74
N GLN D 33 4.46 -21.17 -13.27
CA GLN D 33 3.88 -20.20 -14.20
C GLN D 33 4.81 -19.03 -14.52
N ALA D 34 6.08 -19.15 -14.15
CA ALA D 34 7.06 -18.12 -14.54
C ALA D 34 8.38 -18.77 -14.93
N TYR D 35 9.02 -18.22 -15.96
CA TYR D 35 10.36 -18.64 -16.34
C TYR D 35 11.28 -17.43 -16.39
N PRO D 36 12.43 -17.48 -15.71
CA PRO D 36 13.39 -16.38 -15.65
C PRO D 36 14.22 -16.30 -16.91
N GLU D 37 13.73 -15.58 -17.93
CA GLU D 37 14.34 -15.66 -19.24
C GLU D 37 15.59 -14.79 -19.40
N TYR D 38 15.63 -13.65 -18.71
CA TYR D 38 16.82 -12.79 -18.75
C TYR D 38 17.29 -12.40 -17.36
N LEU D 39 18.61 -12.40 -17.19
CA LEU D 39 19.25 -11.87 -15.99
C LEU D 39 19.96 -10.58 -16.36
N ILE D 40 19.53 -9.48 -15.74
CA ILE D 40 20.03 -8.15 -16.09
C ILE D 40 20.88 -7.63 -14.93
N THR D 41 22.13 -7.27 -15.22
CA THR D 41 23.01 -6.69 -14.21
C THR D 41 23.17 -5.20 -14.49
N TYR D 42 23.04 -4.39 -13.45
CA TYR D 42 22.92 -2.94 -13.64
C TYR D 42 23.30 -2.18 -12.37
N GLN D 43 23.51 -0.87 -12.52
CA GLN D 43 23.53 0.04 -11.38
C GLN D 43 22.41 1.05 -11.57
N ILE D 44 21.84 1.54 -10.47
CA ILE D 44 21.00 2.72 -10.58
C ILE D 44 21.91 3.94 -10.71
N MET D 45 21.45 4.95 -11.44
N MET D 45 21.43 4.95 -11.44
CA MET D 45 22.29 6.11 -11.69
CA MET D 45 22.23 6.14 -11.72
C MET D 45 21.81 7.33 -10.90
C MET D 45 21.79 7.30 -10.83
N ARG D 46 22.76 8.02 -10.27
CA ARG D 46 22.47 9.21 -9.49
C ARG D 46 22.01 10.31 -10.43
N PRO D 47 20.83 10.90 -10.17
CA PRO D 47 20.33 12.00 -11.00
C PRO D 47 21.30 13.18 -11.03
N GLU D 48 21.43 13.81 -12.19
CA GLU D 48 22.38 14.92 -12.35
C GLU D 48 21.80 16.22 -11.80
ZN ZN E . -15.78 -3.93 -3.82
C1 0E1 F . -15.53 10.44 11.16
C2 0E1 F . -15.59 9.88 12.47
N3 0E1 F . -15.64 9.48 13.55
C4 0E1 F . -16.47 11.42 10.76
C5 0E1 F . -16.42 11.98 9.47
C6 0E1 F . -15.40 11.54 8.58
N7 0E1 F . -14.48 10.60 8.94
C8 0E1 F . -14.56 10.07 10.21
O9 0E1 F . -13.61 9.15 10.46
C10 0E1 F . -17.40 13.03 9.02
O11 0E1 F . -16.91 13.78 7.89
C12 0E1 F . -16.56 12.93 6.76
C13 0E1 F . -16.35 13.83 5.52
C14 0E1 F . -17.63 14.63 5.21
C15 0E1 F . -15.99 13.01 4.26
C16 0E1 F . -15.28 12.12 7.16
S SO4 G . -23.41 4.05 15.97
O1 SO4 G . -23.55 2.66 16.42
O2 SO4 G . -22.95 4.89 17.10
O3 SO4 G . -22.40 4.14 14.90
O4 SO4 G . -24.70 4.57 15.49
S SO4 H . -14.83 -13.75 13.15
O1 SO4 H . -13.91 -13.72 14.30
O2 SO4 H . -14.93 -15.13 12.63
O3 SO4 H . -16.17 -13.30 13.58
O4 SO4 H . -14.32 -12.86 12.08
ZN ZN I . 27.03 -0.62 -2.12
C1 0E1 J . 8.08 -7.70 -6.58
C2 0E1 J . 7.34 -6.82 -7.41
N3 0E1 J . 6.71 -6.12 -8.09
C4 0E1 J . 7.54 -8.13 -5.35
C5 0E1 J . 8.26 -9.03 -4.52
C6 0E1 J . 9.55 -9.45 -4.96
N7 0E1 J . 10.11 -9.05 -6.15
C8 0E1 J . 9.36 -8.19 -6.92
O9 0E1 J . 9.98 -7.85 -8.06
C10 0E1 J . 7.70 -9.51 -3.21
O11 0E1 J . 8.36 -10.73 -2.78
C12 0E1 J . 9.80 -10.57 -2.67
C13 0E1 J . 10.36 -11.80 -1.91
C14 0E1 J . 9.75 -11.87 -0.50
C15 0E1 J . 11.89 -11.74 -1.77
C16 0E1 J . 10.38 -10.41 -4.11
S SO4 K . 4.68 2.76 -4.97
O1 SO4 K . 4.38 2.84 -3.53
O2 SO4 K . 5.82 1.85 -5.19
O3 SO4 K . 3.48 2.24 -5.67
O4 SO4 K . 5.01 4.09 -5.51
S SO4 L . 19.26 11.87 -14.95
O1 SO4 L . 19.77 10.53 -14.62
O2 SO4 L . 18.33 12.32 -13.90
O3 SO4 L . 20.40 12.81 -15.04
O4 SO4 L . 18.56 11.83 -16.24
#